data_2F91
#
_entry.id   2F91
#
_cell.length_a   41.283
_cell.length_b   59.673
_cell.length_c   97.302
_cell.angle_alpha   90.00
_cell.angle_beta   90.00
_cell.angle_gamma   90.00
#
_symmetry.space_group_name_H-M   'P 21 21 21'
#
loop_
_entity.id
_entity.type
_entity.pdbx_description
1 polymer 'hepatopancreas trypsin'
2 polymer 'Serine protease inhibitor I/II'
3 non-polymer 'CADMIUM ION'
4 non-polymer 'CHLORIDE ION'
5 water water
#
loop_
_entity_poly.entity_id
_entity_poly.type
_entity_poly.pdbx_seq_one_letter_code
_entity_poly.pdbx_strand_id
1 'polypeptide(L)'
;IVGGTDATLGEFPYQLSFQETFIGFSFHFCGASIYNENYAITAGHCVYGDDYENPSGLQIVAGELDMSVNEGSEQIITVS
KIILHENFDYNLLDNDISLLKLSGSLTFNDNVAPIALPEQGHTATGDVIVTGWGTTSEGGNTPDVLQKVTVPLVSDEDCR
ADYGADEILDSMICAGVPEGGKDSCQGDSGGPLAASDTGSTYLAGIVSWGYGCARPGYPGVYTEVSYHVDWIKANAV
;
A
2 'polypeptide(L)' EQECTPGQTKKQDCNTCNCTPTGVWACTRKGCPPH B
#
loop_
_chem_comp.id
_chem_comp.type
_chem_comp.name
_chem_comp.formula
CD non-polymer 'CADMIUM ION' 'Cd 2'
CL non-polymer 'CHLORIDE ION' 'Cl -1'
#
# COMPACT_ATOMS: atom_id res chain seq x y z
N ILE A 1 0.91 -10.37 -1.68
CA ILE A 1 0.09 -10.48 -2.90
C ILE A 1 -0.35 -11.93 -3.08
N VAL A 2 -1.64 -12.12 -3.14
CA VAL A 2 -2.31 -13.39 -3.32
C VAL A 2 -2.68 -13.57 -4.78
N GLY A 3 -2.34 -14.70 -5.38
CA GLY A 3 -2.76 -15.06 -6.72
C GLY A 3 -1.93 -14.40 -7.81
N GLY A 4 -0.75 -13.89 -7.47
CA GLY A 4 0.15 -13.21 -8.35
C GLY A 4 1.23 -14.05 -8.95
N THR A 5 2.15 -13.38 -9.63
CA THR A 5 3.31 -13.95 -10.24
C THR A 5 4.55 -13.16 -9.89
N ASP A 6 5.73 -13.66 -10.16
CA ASP A 6 6.94 -12.96 -9.85
C ASP A 6 7.12 -11.74 -10.76
N ALA A 7 7.54 -10.63 -10.15
CA ALA A 7 8.03 -9.48 -10.88
C ALA A 7 9.44 -9.78 -11.40
N THR A 8 9.92 -8.96 -12.32
CA THR A 8 11.27 -8.83 -12.79
C THR A 8 11.96 -7.53 -12.41
N LEU A 9 13.26 -7.53 -12.20
CA LEU A 9 13.96 -6.28 -11.91
C LEU A 9 13.67 -5.31 -13.04
N GLY A 10 13.27 -4.11 -12.64
CA GLY A 10 13.04 -3.04 -13.58
C GLY A 10 11.64 -2.97 -14.14
N GLU A 11 10.88 -4.00 -13.85
CA GLU A 11 9.48 -4.00 -14.26
C GLU A 11 8.63 -2.95 -13.53
N PHE A 12 8.92 -2.81 -12.23
CA PHE A 12 8.22 -1.87 -11.36
C PHE A 12 9.27 -1.01 -10.70
N PRO A 13 9.89 -0.12 -11.45
CA PRO A 13 11.02 0.62 -10.85
C PRO A 13 10.64 1.59 -9.77
N TYR A 14 9.35 1.85 -9.62
CA TYR A 14 8.83 2.72 -8.59
C TYR A 14 8.52 2.02 -7.25
N GLN A 15 8.56 0.69 -7.23
CA GLN A 15 8.24 -0.04 -6.02
C GLN A 15 9.33 0.08 -4.98
N LEU A 16 8.97 0.38 -3.74
CA LEU A 16 9.84 0.40 -2.59
C LEU A 16 9.44 -0.64 -1.54
N SER A 17 10.43 -1.12 -0.80
CA SER A 17 10.27 -1.81 0.45
C SER A 17 10.49 -0.81 1.60
N PHE A 18 9.53 -0.71 2.51
CA PHE A 18 9.61 0.13 3.70
C PHE A 18 9.94 -0.78 4.87
N GLN A 19 11.11 -0.55 5.47
CA GLN A 19 11.69 -1.43 6.47
C GLN A 19 12.01 -0.76 7.79
N GLU A 20 11.93 -1.55 8.84
CA GLU A 20 12.37 -1.10 10.16
C GLU A 20 13.55 -1.96 10.58
N THR A 21 14.55 -1.34 11.16
CA THR A 21 15.75 -2.08 11.57
C THR A 21 15.66 -2.40 13.06
N PHE A 22 15.95 -3.66 13.38
CA PHE A 22 16.03 -4.21 14.71
C PHE A 22 17.31 -5.01 14.89
N ILE A 23 17.60 -5.49 16.10
CA ILE A 23 18.78 -6.32 16.29
C ILE A 23 18.75 -7.53 15.38
N GLY A 24 19.78 -7.65 14.55
CA GLY A 24 19.99 -8.75 13.67
C GLY A 24 19.26 -8.72 12.35
N PHE A 25 18.37 -7.75 12.14
CA PHE A 25 17.70 -7.76 10.85
C PHE A 25 16.96 -6.47 10.55
N SER A 26 16.69 -6.32 9.26
CA SER A 26 15.89 -5.26 8.66
C SER A 26 14.60 -5.96 8.27
N PHE A 27 13.50 -5.42 8.71
CA PHE A 27 12.21 -6.04 8.54
C PHE A 27 11.29 -5.24 7.62
N HIS A 28 10.97 -5.87 6.50
CA HIS A 28 9.92 -5.31 5.62
C HIS A 28 8.59 -5.32 6.32
N PHE A 29 7.94 -4.15 6.45
CA PHE A 29 6.59 -4.16 7.03
C PHE A 29 5.54 -3.48 6.14
N CYS A 30 5.92 -2.73 5.13
CA CYS A 30 4.99 -1.98 4.28
C CYS A 30 5.66 -1.82 2.91
N GLY A 31 4.90 -1.53 1.89
CA GLY A 31 5.40 -1.01 0.63
C GLY A 31 5.36 0.51 0.61
N ALA A 32 5.91 1.06 -0.46
CA ALA A 32 5.84 2.48 -0.77
C ALA A 32 6.14 2.62 -2.26
N SER A 33 5.99 3.83 -2.76
CA SER A 33 6.19 4.18 -4.14
C SER A 33 7.06 5.43 -4.29
N ILE A 34 7.92 5.47 -5.29
CA ILE A 34 8.74 6.63 -5.54
C ILE A 34 7.92 7.74 -6.18
N TYR A 35 7.89 8.92 -5.54
CA TYR A 35 7.29 10.10 -6.12
C TYR A 35 8.33 10.95 -6.84
N ASN A 36 9.44 11.21 -6.18
CA ASN A 36 10.58 11.89 -6.82
C ASN A 36 11.84 11.42 -6.10
N GLU A 37 12.99 12.05 -6.35
CA GLU A 37 14.23 11.47 -5.80
C GLU A 37 14.28 11.59 -4.29
N ASN A 38 13.46 12.48 -3.72
CA ASN A 38 13.53 12.72 -2.28
C ASN A 38 12.31 12.27 -1.48
N TYR A 39 11.30 11.80 -2.16
CA TYR A 39 10.02 11.49 -1.52
C TYR A 39 9.40 10.19 -2.01
N ALA A 40 8.88 9.44 -1.05
CA ALA A 40 8.09 8.26 -1.27
C ALA A 40 6.65 8.50 -0.77
N ILE A 41 5.70 7.81 -1.38
CA ILE A 41 4.29 7.78 -0.98
C ILE A 41 3.98 6.43 -0.33
N THR A 42 3.34 6.44 0.84
CA THR A 42 2.93 5.20 1.48
C THR A 42 1.58 5.44 2.15
N ALA A 43 1.12 4.46 2.92
CA ALA A 43 -0.12 4.58 3.67
C ALA A 43 0.15 5.34 4.99
N GLY A 44 -0.89 6.06 5.43
CA GLY A 44 -0.82 6.68 6.74
C GLY A 44 -0.70 5.69 7.87
N HIS A 45 -1.43 4.56 7.76
CA HIS A 45 -1.35 3.64 8.89
C HIS A 45 0.02 2.95 8.99
N CYS A 46 0.87 3.00 7.97
CA CYS A 46 2.22 2.48 8.01
C CYS A 46 3.11 3.33 8.92
N VAL A 47 2.73 4.56 9.23
CA VAL A 47 3.54 5.47 9.99
C VAL A 47 2.87 6.02 11.25
N TYR A 48 1.58 5.85 11.40
CA TYR A 48 0.90 6.39 12.57
C TYR A 48 1.57 5.99 13.87
N GLY A 49 1.89 7.02 14.65
CA GLY A 49 2.49 6.69 15.95
C GLY A 49 3.98 6.89 15.97
N ASP A 50 4.59 7.13 14.83
CA ASP A 50 6.01 7.36 14.70
C ASP A 50 6.40 8.76 15.21
N ASP A 51 7.69 8.92 15.42
CA ASP A 51 8.27 10.26 15.71
C ASP A 51 8.47 10.96 14.38
N TYR A 52 7.44 11.73 13.98
CA TYR A 52 7.34 12.14 12.57
C TYR A 52 8.50 13.02 12.14
N GLU A 53 8.99 13.90 13.03
CA GLU A 53 10.07 14.81 12.65
C GLU A 53 11.43 14.18 12.86
N ASN A 54 11.49 13.09 13.59
CA ASN A 54 12.77 12.43 13.83
C ASN A 54 12.62 10.92 13.86
N PRO A 55 12.20 10.34 12.75
CA PRO A 55 11.90 8.91 12.76
C PRO A 55 13.23 8.18 12.95
N SER A 56 13.11 7.12 13.74
CA SER A 56 14.28 6.32 14.05
C SER A 56 14.14 4.93 13.42
N GLY A 57 15.24 4.46 12.86
CA GLY A 57 15.34 3.06 12.41
C GLY A 57 14.37 2.72 11.30
N LEU A 58 14.09 3.68 10.42
CA LEU A 58 13.19 3.44 9.26
C LEU A 58 13.96 3.74 7.98
N GLN A 59 13.73 2.87 6.97
CA GLN A 59 14.44 3.06 5.71
C GLN A 59 13.58 2.56 4.56
N ILE A 60 13.92 3.04 3.37
CA ILE A 60 13.33 2.44 2.17
C ILE A 60 14.41 1.71 1.39
N VAL A 61 13.98 0.72 0.63
CA VAL A 61 14.88 0.04 -0.31
C VAL A 61 14.28 0.12 -1.72
N ALA A 62 15.00 0.77 -2.61
CA ALA A 62 14.64 0.89 -4.01
C ALA A 62 15.46 -0.12 -4.79
N GLY A 63 15.02 -0.48 -6.00
CA GLY A 63 15.75 -1.39 -6.86
C GLY A 63 15.80 -2.79 -6.33
N GLU A 64 14.85 -3.20 -5.50
CA GLU A 64 14.80 -4.50 -4.90
C GLU A 64 13.87 -5.40 -5.69
N LEU A 65 14.25 -6.67 -5.74
CA LEU A 65 13.44 -7.73 -6.34
C LEU A 65 13.34 -8.91 -5.37
N ASP A 66 14.49 -9.53 -5.19
CA ASP A 66 14.64 -10.65 -4.29
C ASP A 66 15.45 -10.21 -3.05
N MET A 67 14.72 -10.26 -1.90
CA MET A 67 15.18 -9.83 -0.60
C MET A 67 16.33 -10.69 -0.11
N SER A 68 16.42 -11.89 -0.67
CA SER A 68 17.40 -12.84 -0.12
C SER A 68 18.65 -12.87 -0.96
N VAL A 69 18.68 -12.06 -2.01
CA VAL A 69 19.89 -11.87 -2.79
C VAL A 69 20.12 -10.41 -3.14
N ASN A 70 21.31 -9.92 -2.81
CA ASN A 70 21.74 -8.61 -3.34
C ASN A 70 22.20 -8.71 -4.79
N GLU A 71 21.36 -8.23 -5.70
CA GLU A 71 21.49 -8.28 -7.14
C GLU A 71 22.23 -7.04 -7.64
N GLY A 72 22.49 -6.04 -6.78
CA GLY A 72 23.29 -4.94 -7.26
C GLY A 72 22.57 -3.65 -7.55
N SER A 73 21.24 -3.66 -7.57
CA SER A 73 20.52 -2.42 -7.81
C SER A 73 19.85 -1.88 -6.57
N GLU A 74 20.01 -2.53 -5.46
CA GLU A 74 19.36 -2.07 -4.26
C GLU A 74 19.95 -0.75 -3.77
N GLN A 75 19.08 0.17 -3.39
CA GLN A 75 19.47 1.44 -2.82
C GLN A 75 18.73 1.54 -1.49
N ILE A 76 19.48 1.51 -0.40
CA ILE A 76 18.89 1.67 0.91
C ILE A 76 19.09 3.11 1.40
N ILE A 77 17.99 3.76 1.74
CA ILE A 77 18.08 5.15 2.21
C ILE A 77 17.19 5.29 3.41
N THR A 78 17.75 5.85 4.49
CA THR A 78 16.96 6.09 5.68
C THR A 78 15.97 7.23 5.39
N VAL A 79 14.88 7.08 6.14
CA VAL A 79 13.80 8.05 6.14
C VAL A 79 14.15 9.13 7.15
N SER A 80 14.11 10.39 6.73
CA SER A 80 14.44 11.53 7.57
C SER A 80 13.19 12.23 8.12
N LYS A 81 12.04 12.16 7.47
CA LYS A 81 10.86 12.85 7.93
C LYS A 81 9.64 12.05 7.46
N ILE A 82 8.61 12.06 8.24
CA ILE A 82 7.30 11.55 7.86
C ILE A 82 6.27 12.65 7.80
N ILE A 83 5.52 12.73 6.72
CA ILE A 83 4.47 13.75 6.54
C ILE A 83 3.14 13.01 6.42
N LEU A 84 2.47 12.84 7.51
CA LEU A 84 1.19 12.14 7.61
C LEU A 84 0.06 13.12 7.32
N HIS A 85 -0.92 12.72 6.54
CA HIS A 85 -2.11 13.53 6.32
C HIS A 85 -2.70 13.92 7.66
N GLU A 86 -2.93 15.24 7.84
CA GLU A 86 -3.36 15.69 9.17
C GLU A 86 -4.78 15.30 9.50
N ASN A 87 -5.56 14.84 8.51
CA ASN A 87 -6.91 14.33 8.79
C ASN A 87 -6.99 12.82 8.67
N PHE A 88 -5.86 12.14 8.74
CA PHE A 88 -5.87 10.67 8.85
C PHE A 88 -6.77 10.21 9.96
N ASP A 89 -7.58 9.22 9.73
CA ASP A 89 -8.39 8.59 10.80
C ASP A 89 -7.84 7.18 11.02
N TYR A 90 -7.24 6.98 12.17
CA TYR A 90 -6.53 5.72 12.45
C TYR A 90 -7.47 4.55 12.54
N ASN A 91 -8.73 4.81 12.83
CA ASN A 91 -9.67 3.69 12.92
C ASN A 91 -10.30 3.35 11.57
N LEU A 92 -10.91 4.35 10.92
CA LEU A 92 -11.65 4.12 9.69
C LEU A 92 -10.85 4.28 8.42
N LEU A 93 -9.63 4.78 8.52
CA LEU A 93 -8.65 4.84 7.44
C LEU A 93 -9.06 5.81 6.36
N ASP A 94 -9.80 6.86 6.75
CA ASP A 94 -9.98 8.03 5.89
C ASP A 94 -8.60 8.70 5.77
N ASN A 95 -8.33 9.23 4.58
CA ASN A 95 -7.10 10.00 4.28
C ASN A 95 -5.86 9.22 4.64
N ASP A 96 -5.88 7.92 4.19
CA ASP A 96 -4.81 6.97 4.53
C ASP A 96 -3.62 7.14 3.61
N ILE A 97 -2.87 8.19 3.85
CA ILE A 97 -1.72 8.53 3.01
C ILE A 97 -0.70 9.27 3.83
N SER A 98 0.59 9.02 3.53
CA SER A 98 1.70 9.75 4.12
C SER A 98 2.81 9.85 3.05
N LEU A 99 3.63 10.86 3.21
CA LEU A 99 4.87 10.95 2.51
C LEU A 99 6.06 10.61 3.40
N LEU A 100 7.12 10.06 2.80
CA LEU A 100 8.40 9.81 3.46
C LEU A 100 9.45 10.67 2.77
N LYS A 101 10.05 11.59 3.50
CA LYS A 101 11.21 12.31 2.98
C LYS A 101 12.47 11.50 3.26
N LEU A 102 13.33 11.31 2.30
CA LEU A 102 14.51 10.49 2.43
C LEU A 102 15.69 11.35 2.81
N SER A 103 16.62 10.73 3.54
CA SER A 103 17.80 11.48 4.01
C SER A 103 18.77 11.80 2.89
N GLY A 104 18.68 11.09 1.79
CA GLY A 104 19.41 11.49 0.59
C GLY A 104 18.61 11.14 -0.63
N SER A 105 19.07 11.59 -1.79
CA SER A 105 18.32 11.39 -3.01
C SER A 105 18.56 10.02 -3.60
N LEU A 106 17.53 9.42 -4.18
CA LEU A 106 17.62 8.21 -4.99
C LEU A 106 18.39 8.61 -6.26
N THR A 107 19.06 7.59 -6.77
CA THR A 107 19.70 7.66 -8.07
C THR A 107 18.82 6.96 -9.09
N PHE A 108 18.29 7.66 -10.07
CA PHE A 108 17.37 6.98 -11.03
C PHE A 108 18.15 6.26 -12.13
N ASN A 109 17.58 5.12 -12.53
CA ASN A 109 18.23 4.27 -13.54
C ASN A 109 17.15 3.34 -14.04
N ASP A 110 17.52 2.27 -14.76
CA ASP A 110 16.45 1.48 -15.37
C ASP A 110 15.58 0.77 -14.33
N ASN A 111 16.17 0.57 -13.17
CA ASN A 111 15.53 -0.20 -12.14
C ASN A 111 14.91 0.60 -10.97
N VAL A 112 15.10 1.90 -11.03
CA VAL A 112 14.76 2.84 -9.98
C VAL A 112 14.24 4.12 -10.64
N ALA A 113 12.95 4.43 -10.50
CA ALA A 113 12.31 5.54 -11.17
C ALA A 113 10.98 5.92 -10.54
N PRO A 114 10.59 7.19 -10.64
CA PRO A 114 9.27 7.57 -10.11
C PRO A 114 8.11 6.96 -10.91
N ILE A 115 6.98 6.83 -10.24
CA ILE A 115 5.68 6.61 -10.87
C ILE A 115 4.92 7.93 -10.93
N ALA A 116 4.35 8.25 -12.09
CA ALA A 116 3.56 9.46 -12.27
C ALA A 116 2.28 9.43 -11.45
N LEU A 117 1.87 10.61 -10.97
CA LEU A 117 0.53 10.77 -10.42
C LEU A 117 -0.49 10.93 -11.53
N PRO A 118 -1.75 10.63 -11.26
CA PRO A 118 -2.82 11.04 -12.16
C PRO A 118 -3.02 12.54 -11.95
N GLU A 119 -3.85 13.12 -12.82
CA GLU A 119 -4.41 14.41 -12.54
C GLU A 119 -5.42 14.30 -11.40
N GLN A 120 -5.53 15.36 -10.59
CA GLN A 120 -6.52 15.38 -9.54
C GLN A 120 -7.89 15.09 -10.16
N GLY A 121 -8.64 14.20 -9.52
CA GLY A 121 -9.96 13.90 -10.01
C GLY A 121 -10.07 12.87 -11.12
N HIS A 122 -8.93 12.40 -11.67
CA HIS A 122 -9.07 11.39 -12.71
C HIS A 122 -9.73 10.13 -12.18
N THR A 123 -10.60 9.52 -12.98
CA THR A 123 -11.20 8.24 -12.67
C THR A 123 -10.43 7.08 -13.27
N ALA A 124 -9.68 6.34 -12.46
CA ALA A 124 -8.97 5.18 -12.96
C ALA A 124 -9.94 4.14 -13.46
N THR A 125 -9.56 3.38 -14.47
CA THR A 125 -10.38 2.27 -14.96
C THR A 125 -9.46 1.24 -15.64
N GLY A 126 -10.03 0.14 -16.05
CA GLY A 126 -9.35 -1.00 -16.59
C GLY A 126 -8.77 -1.86 -15.47
N ASP A 127 -8.13 -2.91 -15.90
CA ASP A 127 -7.35 -3.78 -15.02
C ASP A 127 -6.15 -2.97 -14.51
N VAL A 128 -5.83 -3.23 -13.26
CA VAL A 128 -4.72 -2.56 -12.59
C VAL A 128 -3.76 -3.58 -12.00
N ILE A 129 -2.55 -3.13 -11.71
CA ILE A 129 -1.49 -4.03 -11.21
C ILE A 129 -1.08 -3.60 -9.82
N VAL A 130 -1.18 -4.54 -8.89
CA VAL A 130 -0.80 -4.33 -7.47
C VAL A 130 0.46 -5.14 -7.20
N THR A 131 1.45 -4.56 -6.53
CA THR A 131 2.72 -5.20 -6.29
C THR A 131 3.17 -5.10 -4.85
N GLY A 132 3.93 -6.10 -4.40
CA GLY A 132 4.48 -6.06 -3.06
C GLY A 132 5.05 -7.36 -2.61
N TRP A 133 5.58 -7.34 -1.37
CA TRP A 133 6.20 -8.47 -0.72
C TRP A 133 5.33 -8.99 0.42
N GLY A 134 4.03 -8.66 0.37
CA GLY A 134 3.08 -9.21 1.31
C GLY A 134 2.91 -10.69 1.26
N THR A 135 2.14 -11.24 2.19
CA THR A 135 1.89 -12.68 2.21
C THR A 135 1.15 -13.14 0.96
N THR A 136 1.38 -14.41 0.62
CA THR A 136 0.83 -14.96 -0.59
C THR A 136 -0.48 -15.69 -0.41
N SER A 137 -0.98 -15.75 0.82
CA SER A 137 -2.29 -16.20 1.18
C SER A 137 -2.65 -15.53 2.51
N GLU A 138 -3.92 -15.47 2.83
CA GLU A 138 -4.28 -14.87 4.12
C GLU A 138 -3.67 -15.64 5.29
N GLY A 139 -2.95 -14.96 6.17
CA GLY A 139 -2.39 -15.70 7.28
C GLY A 139 -1.22 -16.57 6.88
N GLY A 140 -0.66 -16.37 5.69
CA GLY A 140 0.33 -17.18 5.06
C GLY A 140 1.77 -16.74 5.12
N ASN A 141 2.60 -17.18 4.17
CA ASN A 141 4.01 -16.90 4.17
C ASN A 141 4.37 -15.72 3.27
N THR A 142 5.51 -15.13 3.51
CA THR A 142 5.95 -13.96 2.74
C THR A 142 7.07 -14.35 1.80
N PRO A 143 6.95 -13.88 0.55
CA PRO A 143 7.87 -14.28 -0.53
C PRO A 143 9.10 -13.42 -0.48
N ASP A 144 10.23 -13.99 -0.90
CA ASP A 144 11.41 -13.12 -1.01
C ASP A 144 11.37 -12.33 -2.33
N VAL A 145 10.67 -12.86 -3.35
CA VAL A 145 10.56 -12.21 -4.65
C VAL A 145 9.30 -11.37 -4.77
N LEU A 146 9.47 -10.12 -5.17
CA LEU A 146 8.41 -9.17 -5.41
C LEU A 146 7.33 -9.83 -6.27
N GLN A 147 6.07 -9.71 -5.87
CA GLN A 147 4.95 -10.23 -6.60
C GLN A 147 4.13 -9.16 -7.23
N LYS A 148 3.50 -9.50 -8.35
CA LYS A 148 2.54 -8.70 -9.06
C LYS A 148 1.23 -9.45 -9.24
N VAL A 149 0.11 -8.75 -9.23
CA VAL A 149 -1.17 -9.31 -9.59
C VAL A 149 -2.01 -8.31 -10.34
N THR A 150 -2.73 -8.77 -11.31
CA THR A 150 -3.71 -7.96 -12.06
C THR A 150 -5.09 -8.20 -11.49
N VAL A 151 -5.80 -7.08 -11.25
CA VAL A 151 -7.14 -7.19 -10.72
C VAL A 151 -7.96 -6.05 -11.37
N PRO A 152 -9.26 -6.28 -11.49
CA PRO A 152 -10.14 -5.21 -11.93
C PRO A 152 -10.53 -4.31 -10.75
N LEU A 153 -10.88 -3.07 -11.10
CA LEU A 153 -11.48 -2.16 -10.12
C LEU A 153 -12.94 -2.51 -9.93
N VAL A 154 -13.43 -2.28 -8.73
CA VAL A 154 -14.82 -2.51 -8.32
C VAL A 154 -15.39 -1.18 -7.94
N SER A 155 -16.51 -0.75 -8.46
CA SER A 155 -17.08 0.57 -8.16
C SER A 155 -17.33 0.68 -6.64
N ASP A 156 -17.30 1.95 -6.20
CA ASP A 156 -17.58 2.22 -4.80
C ASP A 156 -18.94 1.68 -4.42
N GLU A 157 -19.95 1.84 -5.26
CA GLU A 157 -21.29 1.37 -4.91
C GLU A 157 -21.35 -0.15 -4.80
N ASP A 158 -20.71 -0.86 -5.72
CA ASP A 158 -20.66 -2.31 -5.64
C ASP A 158 -19.88 -2.73 -4.39
N CYS A 159 -18.77 -2.05 -4.09
CA CYS A 159 -17.97 -2.39 -2.91
C CYS A 159 -18.69 -2.17 -1.60
N ARG A 160 -19.56 -1.16 -1.57
CA ARG A 160 -20.37 -0.85 -0.39
C ARG A 160 -21.36 -1.93 -0.06
N ALA A 161 -21.78 -2.74 -1.04
CA ALA A 161 -22.60 -3.91 -0.67
C ALA A 161 -21.80 -4.87 0.19
N ASP A 162 -20.47 -4.93 0.08
CA ASP A 162 -19.67 -5.85 0.84
C ASP A 162 -19.33 -5.30 2.22
N TYR A 163 -19.01 -4.01 2.25
CA TYR A 163 -18.37 -3.42 3.43
C TYR A 163 -19.22 -2.41 4.16
N GLY A 164 -20.29 -1.93 3.53
CA GLY A 164 -21.13 -0.90 4.12
C GLY A 164 -20.96 0.44 3.47
N ALA A 165 -22.07 1.16 3.34
CA ALA A 165 -22.08 2.44 2.64
C ALA A 165 -21.04 3.43 3.09
N ASP A 166 -21.00 3.69 4.40
CA ASP A 166 -20.15 4.75 4.91
C ASP A 166 -18.74 4.29 5.17
N GLU A 167 -18.52 2.97 5.04
CA GLU A 167 -17.19 2.38 5.24
C GLU A 167 -16.27 2.57 4.03
N ILE A 168 -16.88 2.58 2.86
CA ILE A 168 -16.17 2.87 1.62
C ILE A 168 -16.42 4.33 1.28
N LEU A 169 -15.40 5.15 1.41
CA LEU A 169 -15.53 6.54 1.00
C LEU A 169 -15.22 6.69 -0.47
N ASP A 170 -15.70 7.79 -1.06
CA ASP A 170 -15.39 8.01 -2.47
C ASP A 170 -13.89 8.04 -2.73
N SER A 171 -13.16 8.57 -1.76
CA SER A 171 -11.71 8.65 -1.85
C SER A 171 -10.97 7.32 -1.61
N MET A 172 -11.71 6.25 -1.54
CA MET A 172 -11.16 4.89 -1.53
C MET A 172 -11.48 4.27 -2.91
N ILE A 173 -10.67 3.28 -3.29
CA ILE A 173 -10.94 2.53 -4.50
C ILE A 173 -10.79 1.06 -4.15
N CYS A 174 -11.71 0.24 -4.64
CA CYS A 174 -11.76 -1.20 -4.42
C CYS A 174 -11.26 -1.98 -5.64
N ALA A 175 -10.58 -3.10 -5.41
CA ALA A 175 -10.11 -3.94 -6.50
C ALA A 175 -10.11 -5.39 -6.10
N GLY A 176 -10.56 -6.26 -6.99
CA GLY A 176 -10.59 -7.70 -6.73
C GLY A 176 -11.55 -8.38 -7.68
N VAL A 177 -11.53 -9.68 -7.76
CA VAL A 177 -12.37 -10.44 -8.69
C VAL A 177 -13.48 -11.05 -7.88
N PRO A 178 -14.71 -11.19 -8.38
CA PRO A 178 -15.80 -11.65 -7.52
C PRO A 178 -15.58 -13.02 -6.89
N GLU A 179 -14.88 -13.90 -7.59
CA GLU A 179 -14.62 -15.27 -7.11
C GLU A 179 -13.50 -15.31 -6.10
N GLY A 180 -12.88 -14.16 -5.82
CA GLY A 180 -11.71 -14.12 -4.96
C GLY A 180 -10.47 -14.70 -5.56
N GLY A 181 -9.41 -14.76 -4.78
CA GLY A 181 -8.16 -15.42 -5.15
C GLY A 181 -7.05 -14.50 -5.61
N LYS A 182 -7.35 -13.20 -5.78
CA LYS A 182 -6.37 -12.23 -6.26
C LYS A 182 -6.48 -10.97 -5.41
N ASP A 183 -5.43 -10.60 -4.73
CA ASP A 183 -5.56 -9.44 -3.82
C ASP A 183 -4.18 -9.07 -3.29
N SER A 184 -4.07 -7.90 -2.67
CA SER A 184 -2.97 -7.58 -1.75
C SER A 184 -3.27 -8.21 -0.41
N CYS A 185 -2.29 -8.20 0.50
CA CYS A 185 -2.45 -8.88 1.78
C CYS A 185 -1.45 -8.25 2.76
N GLN A 186 -1.32 -8.82 3.94
CA GLN A 186 -0.46 -8.30 4.98
C GLN A 186 0.99 -8.21 4.51
N GLY A 187 1.60 -7.04 4.63
CA GLY A 187 2.90 -6.69 4.12
C GLY A 187 2.87 -5.92 2.82
N ASP A 188 1.71 -5.78 2.21
CA ASP A 188 1.55 -4.98 0.99
C ASP A 188 1.09 -3.55 1.28
N SER A 189 0.60 -3.27 2.49
CA SER A 189 0.15 -1.96 2.86
C SER A 189 1.12 -0.86 2.41
N GLY A 190 0.56 0.21 1.86
CA GLY A 190 1.39 1.33 1.48
C GLY A 190 1.92 1.26 0.08
N GLY A 191 1.90 0.05 -0.51
CA GLY A 191 2.44 -0.09 -1.86
C GLY A 191 1.43 0.29 -2.91
N PRO A 192 1.89 0.24 -4.18
CA PRO A 192 1.14 0.74 -5.28
C PRO A 192 0.13 -0.17 -5.94
N LEU A 193 -0.97 0.49 -6.36
CA LEU A 193 -1.91 -0.01 -7.36
C LEU A 193 -1.69 0.89 -8.57
N ALA A 194 -1.24 0.35 -9.70
CA ALA A 194 -0.89 1.11 -10.89
C ALA A 194 -1.93 0.89 -11.98
N ALA A 195 -2.41 1.99 -12.56
CA ALA A 195 -3.35 1.91 -13.67
C ALA A 195 -2.69 2.40 -14.94
N SER A 196 -3.34 2.24 -16.08
CA SER A 196 -2.74 2.66 -17.34
C SER A 196 -3.79 3.07 -18.36
N ASP A 197 -5.01 3.40 -17.94
CA ASP A 197 -6.07 3.79 -18.85
C ASP A 197 -5.79 5.09 -19.60
N THR A 198 -4.81 5.91 -19.24
CA THR A 198 -4.45 7.12 -19.97
C THR A 198 -3.46 6.86 -21.10
N GLY A 199 -3.07 5.61 -21.27
CA GLY A 199 -2.07 5.12 -22.17
C GLY A 199 -0.71 5.07 -21.53
N SER A 200 -0.60 5.40 -20.26
CA SER A 200 0.67 5.45 -19.54
C SER A 200 0.46 5.01 -18.07
N THR A 201 1.47 4.47 -17.43
CA THR A 201 1.35 3.98 -16.07
C THR A 201 1.30 5.17 -15.11
N TYR A 202 0.38 5.09 -14.16
CA TYR A 202 0.32 6.06 -13.06
C TYR A 202 -0.15 5.38 -11.79
N LEU A 203 0.10 6.06 -10.66
CA LEU A 203 -0.29 5.57 -9.36
C LEU A 203 -1.74 5.88 -9.06
N ALA A 204 -2.60 4.88 -9.07
CA ALA A 204 -4.02 5.06 -8.85
C ALA A 204 -4.45 4.74 -7.43
N GLY A 205 -3.72 3.89 -6.72
CA GLY A 205 -4.14 3.53 -5.37
C GLY A 205 -2.94 3.19 -4.50
N ILE A 206 -3.21 3.17 -3.20
CA ILE A 206 -2.25 2.78 -2.18
C ILE A 206 -2.89 1.69 -1.36
N VAL A 207 -2.22 0.55 -1.22
CA VAL A 207 -2.82 -0.55 -0.44
C VAL A 207 -3.18 -0.11 0.96
N SER A 208 -4.41 -0.36 1.38
CA SER A 208 -4.92 0.14 2.68
C SER A 208 -5.49 -0.98 3.55
N TRP A 209 -6.57 -1.62 3.20
CA TRP A 209 -7.27 -2.55 4.12
C TRP A 209 -8.12 -3.52 3.35
N GLY A 210 -8.65 -4.51 4.07
CA GLY A 210 -9.67 -5.41 3.57
C GLY A 210 -10.15 -6.34 4.66
N TYR A 211 -11.18 -7.10 4.37
CA TYR A 211 -11.55 -8.21 5.26
C TYR A 211 -10.78 -9.44 4.80
N GLY A 212 -9.82 -9.82 5.61
CA GLY A 212 -8.94 -10.91 5.17
C GLY A 212 -8.22 -10.52 3.90
N CYS A 213 -7.93 -11.52 3.07
CA CYS A 213 -7.32 -11.25 1.78
C CYS A 213 -7.87 -12.22 0.78
N ALA A 214 -8.18 -11.75 -0.41
CA ALA A 214 -8.57 -12.54 -1.56
C ALA A 214 -9.86 -13.32 -1.32
N ARG A 215 -10.67 -12.94 -0.34
CA ARG A 215 -11.89 -13.66 -0.12
C ARG A 215 -12.92 -13.34 -1.20
N PRO A 216 -13.73 -14.33 -1.58
CA PRO A 216 -14.83 -13.99 -2.49
C PRO A 216 -15.73 -12.91 -1.93
N GLY A 217 -16.04 -11.91 -2.75
CA GLY A 217 -16.95 -10.85 -2.30
C GLY A 217 -16.36 -9.78 -1.40
N TYR A 218 -15.06 -9.84 -1.17
CA TYR A 218 -14.40 -8.87 -0.29
C TYR A 218 -13.18 -8.32 -0.99
N PRO A 219 -13.38 -7.31 -1.86
CA PRO A 219 -12.23 -6.72 -2.57
C PRO A 219 -11.28 -6.04 -1.62
N GLY A 220 -10.04 -5.90 -2.08
CA GLY A 220 -9.13 -5.03 -1.37
C GLY A 220 -9.55 -3.59 -1.51
N VAL A 221 -9.22 -2.79 -0.49
CA VAL A 221 -9.52 -1.37 -0.45
C VAL A 221 -8.23 -0.58 -0.36
N TYR A 222 -8.15 0.50 -1.17
CA TYR A 222 -7.00 1.29 -1.44
C TYR A 222 -7.35 2.77 -1.29
N THR A 223 -6.38 3.55 -0.86
CA THR A 223 -6.56 5.00 -0.94
C THR A 223 -6.53 5.39 -2.42
N GLU A 224 -7.53 6.16 -2.87
CA GLU A 224 -7.58 6.56 -4.27
C GLU A 224 -6.77 7.82 -4.47
N VAL A 225 -5.62 7.66 -5.15
CA VAL A 225 -4.64 8.74 -5.23
C VAL A 225 -5.16 9.99 -5.90
N SER A 226 -6.07 9.86 -6.88
CA SER A 226 -6.54 11.05 -7.58
C SER A 226 -7.31 11.99 -6.69
N TYR A 227 -7.79 11.55 -5.52
CA TYR A 227 -8.41 12.49 -4.57
C TYR A 227 -7.39 13.29 -3.77
N HIS A 228 -6.14 12.90 -3.80
CA HIS A 228 -5.09 13.44 -2.93
C HIS A 228 -3.87 13.97 -3.70
N VAL A 229 -3.95 14.17 -5.01
CA VAL A 229 -2.83 14.63 -5.79
C VAL A 229 -2.41 16.04 -5.34
N ASP A 230 -3.39 16.94 -5.15
CA ASP A 230 -3.04 18.30 -4.71
C ASP A 230 -2.39 18.27 -3.32
N TRP A 231 -2.85 17.39 -2.44
CA TRP A 231 -2.27 17.20 -1.11
C TRP A 231 -0.83 16.76 -1.26
N ILE A 232 -0.57 15.78 -2.17
CA ILE A 232 0.81 15.29 -2.34
C ILE A 232 1.71 16.40 -2.83
N LYS A 233 1.27 17.14 -3.82
CA LYS A 233 2.10 18.20 -4.37
C LYS A 233 2.36 19.31 -3.34
N ALA A 234 1.39 19.62 -2.50
CA ALA A 234 1.55 20.66 -1.48
C ALA A 234 2.52 20.22 -0.41
N ASN A 235 2.65 18.93 -0.16
CA ASN A 235 3.45 18.44 0.98
C ASN A 235 4.82 17.89 0.58
N ALA A 236 5.02 17.57 -0.69
CA ALA A 236 6.36 17.09 -1.11
C ALA A 236 7.26 18.28 -1.45
N VAL A 237 7.58 19.05 -0.42
CA VAL A 237 8.22 20.33 -0.40
C VAL A 237 7.48 21.46 -1.11
N GLN B 2 -22.07 -12.18 15.14
CA GLN B 2 -22.46 -12.26 13.74
C GLN B 2 -21.29 -11.89 12.82
N GLU B 3 -20.17 -12.25 13.36
CA GLU B 3 -18.75 -11.97 13.26
C GLU B 3 -18.32 -10.78 14.14
N CYS B 4 -18.91 -9.60 14.05
CA CYS B 4 -18.61 -8.53 15.02
C CYS B 4 -19.74 -7.49 15.07
N THR B 5 -19.77 -6.60 16.08
CA THR B 5 -20.69 -5.46 16.15
C THR B 5 -20.15 -4.20 15.49
N PRO B 6 -20.89 -3.59 14.56
CA PRO B 6 -20.39 -2.38 13.87
C PRO B 6 -19.82 -1.34 14.80
N GLY B 7 -18.58 -0.94 14.52
CA GLY B 7 -17.96 0.10 15.32
C GLY B 7 -16.96 -0.37 16.36
N GLN B 8 -16.99 -1.67 16.65
CA GLN B 8 -15.94 -2.25 17.48
C GLN B 8 -14.60 -2.08 16.84
N THR B 9 -13.56 -2.04 17.63
CA THR B 9 -12.19 -2.05 17.14
C THR B 9 -11.41 -3.15 17.86
N LYS B 10 -10.41 -3.65 17.16
CA LYS B 10 -9.50 -4.61 17.75
C LYS B 10 -8.16 -4.50 17.04
N LYS B 11 -7.16 -5.21 17.55
CA LYS B 11 -5.92 -5.43 16.80
C LYS B 11 -5.91 -6.90 16.38
N GLN B 12 -5.24 -7.16 15.29
CA GLN B 12 -4.94 -8.47 14.74
C GLN B 12 -3.45 -8.46 14.55
N ASP B 13 -2.78 -9.08 15.53
CA ASP B 13 -1.33 -8.89 15.61
C ASP B 13 -0.98 -7.41 15.54
N CYS B 14 -0.17 -6.93 14.60
CA CYS B 14 0.26 -5.54 14.57
C CYS B 14 -0.73 -4.67 13.78
N ASN B 15 -1.71 -5.27 13.17
CA ASN B 15 -2.70 -4.54 12.36
C ASN B 15 -3.88 -4.12 13.20
N THR B 16 -4.55 -3.07 12.72
CA THR B 16 -5.68 -2.47 13.38
C THR B 16 -6.92 -2.75 12.55
N CYS B 17 -8.01 -2.98 13.24
CA CYS B 17 -9.26 -3.37 12.65
C CYS B 17 -10.47 -2.61 13.23
N ASN B 18 -11.44 -2.41 12.35
CA ASN B 18 -12.75 -1.91 12.78
C ASN B 18 -13.85 -2.80 12.20
N CYS B 19 -14.93 -2.95 12.95
CA CYS B 19 -16.03 -3.75 12.50
C CYS B 19 -16.93 -2.89 11.59
N THR B 20 -17.09 -3.32 10.35
CA THR B 20 -17.84 -2.55 9.37
C THR B 20 -19.33 -2.60 9.65
N PRO B 21 -20.14 -1.76 9.02
CA PRO B 21 -21.59 -1.82 9.11
C PRO B 21 -22.14 -3.19 8.69
N THR B 22 -21.42 -3.94 7.88
CA THR B 22 -21.85 -5.26 7.46
C THR B 22 -21.38 -6.39 8.35
N GLY B 23 -20.67 -6.08 9.42
CA GLY B 23 -20.36 -7.10 10.41
C GLY B 23 -19.09 -7.86 10.13
N VAL B 24 -18.13 -7.34 9.36
CA VAL B 24 -16.86 -8.01 9.12
C VAL B 24 -15.74 -7.09 9.62
N TRP B 25 -14.58 -7.68 9.80
CA TRP B 25 -13.40 -6.96 10.28
C TRP B 25 -12.61 -6.37 9.12
N ALA B 26 -12.59 -5.05 9.05
CA ALA B 26 -11.80 -4.30 8.12
C ALA B 26 -10.41 -4.13 8.77
N CYS B 27 -9.38 -4.77 8.25
CA CYS B 27 -8.05 -4.76 8.86
C CYS B 27 -6.98 -4.20 7.95
N THR B 28 -6.07 -3.45 8.52
CA THR B 28 -4.90 -3.00 7.76
C THR B 28 -4.00 -4.19 7.31
N ARG B 29 -3.13 -3.80 6.38
CA ARG B 29 -2.34 -4.76 5.65
C ARG B 29 -0.82 -4.60 5.83
N LYS B 30 -0.43 -4.22 7.07
CA LYS B 30 1.03 -4.25 7.37
C LYS B 30 1.59 -5.70 7.56
N GLY B 31 2.88 -5.78 7.38
CA GLY B 31 3.55 -7.05 7.77
C GLY B 31 4.00 -6.95 9.25
N CYS B 32 3.80 -8.10 9.89
CA CYS B 32 4.09 -8.10 11.31
C CYS B 32 5.27 -9.01 11.69
N PRO B 33 6.25 -8.51 12.39
CA PRO B 33 7.41 -9.38 12.68
C PRO B 33 7.12 -10.68 13.41
N PRO B 34 6.05 -11.06 14.08
CA PRO B 34 5.76 -12.48 14.37
C PRO B 34 6.08 -13.46 13.24
CD CD C . 17.91 -8.12 -3.72
CD CD D . -9.29 -8.59 -15.37
CD CD E . 9.16 19.19 9.42
CD CD F . 8.48 -17.64 -8.34
CD CD G . -13.68 5.78 -5.13
CD CD H . -5.69 16.76 -18.36
CL CL I . -9.26 -10.48 -17.09
CL CL J . -7.98 -9.56 -13.54
#